data_1EJO
#
_entry.id   1EJO
#
_cell.length_a   48.180
_cell.length_b   69.328
_cell.length_c   146.539
_cell.angle_alpha   90.00
_cell.angle_beta   90.00
_cell.angle_gamma   90.00
#
_symmetry.space_group_name_H-M   'P 21 21 21'
#
loop_
_entity.id
_entity.type
_entity.pdbx_description
1 polymer 'IGG2A MONOCLONAL ANTIBODY (LIGHT CHAIN)'
2 polymer 'IGG2A MONOCLONAL ANTIBODY (HEAVY CHAIN)'
3 polymer 'FMDV PEPTIDE'
4 water water
#
loop_
_entity_poly.entity_id
_entity_poly.type
_entity_poly.pdbx_seq_one_letter_code
_entity_poly.pdbx_strand_id
1 'polypeptide(L)'
;DIVLTQSPASLAVSLGQRATISCRASESVDSYGNSFMHWYQQKPGQPPKLLIYRASNLESGIPARFSGSGSRTDFTLTIN
PVEADDVATYYCQQSNEDPLTFGAGTKLELKRADAAPTVSIFPPSSEQLTSGGASVVCFLNNFYPKDINVRWKIDGSERQ
NGVLNSWTDQDSKDSTYSMSSTLTLTKDEYERHNSYTCEATHKTSTSPIVKSFNRA
;
L
2 'polypeptide(L)'
;EQMLVESGGDLVKPGGSLKLSCAASGFTFSSYTMSWVRQTPEKRLEWVATISSGGAYTYYPDSVKGRFTISDDNAESTLY
LQMSSLRSEDTAMYYCVRRAFDSDVGFASWGHRTLVTVSAAKTTAPSVYPLAPVCGGTTGSSVTLGCLVKGYFPEPVTLT
WNSGSLSSGVHTFPAVLQSDLYTLSSSVTVTSSTWPSQSITCNVAHPASSTKVDKKIEPR
;
H
3 'polypeptide(L)' YTTSTRGDLAHVTTT P
#
# COMPACT_ATOMS: atom_id res chain seq x y z
N ASP A 1 11.16 1.02 25.78
CA ASP A 1 10.98 1.86 24.55
C ASP A 1 9.80 2.81 24.73
N ILE A 2 9.80 3.88 23.93
CA ILE A 2 8.71 4.85 23.98
C ILE A 2 7.61 4.41 23.02
N VAL A 3 6.41 4.21 23.57
CA VAL A 3 5.27 3.77 22.78
C VAL A 3 4.38 4.96 22.40
N LEU A 4 3.98 5.01 21.13
CA LEU A 4 3.11 6.07 20.64
C LEU A 4 1.72 5.51 20.35
N THR A 5 0.74 6.02 21.11
CA THR A 5 -0.66 5.62 20.99
C THR A 5 -1.46 6.72 20.28
N GLN A 6 -1.89 6.45 19.05
CA GLN A 6 -2.65 7.45 18.27
C GLN A 6 -4.14 7.33 18.48
N SER A 7 -4.81 8.45 18.76
CA SER A 7 -6.26 8.40 18.93
C SER A 7 -6.95 7.96 17.60
N PRO A 8 -8.31 8.10 17.43
CA PRO A 8 -8.96 7.69 16.17
C PRO A 8 -8.12 6.86 15.21
N ALA A 9 -8.20 5.52 15.33
CA ALA A 9 -7.45 4.59 14.48
C ALA A 9 -7.74 4.97 13.03
N SER A 10 -8.97 5.43 12.83
CA SER A 10 -9.46 5.89 11.54
C SER A 10 -10.49 6.98 11.84
N LEU A 11 -10.52 8.00 11.00
CA LEU A 11 -11.43 9.12 11.18
C LEU A 11 -12.12 9.52 9.89
N ALA A 12 -13.44 9.69 9.96
CA ALA A 12 -14.25 10.09 8.81
C ALA A 12 -14.72 11.52 9.03
N VAL A 13 -14.32 12.42 8.13
CA VAL A 13 -14.69 13.82 8.22
C VAL A 13 -15.16 14.35 6.87
N SER A 14 -16.12 15.27 6.88
CA SER A 14 -16.66 15.84 5.66
C SER A 14 -15.68 16.85 5.05
N LEU A 15 -15.75 16.99 3.73
CA LEU A 15 -14.88 17.92 3.01
C LEU A 15 -15.27 19.34 3.43
N GLY A 16 -14.29 20.10 3.92
CA GLY A 16 -14.55 21.46 4.35
C GLY A 16 -14.50 21.63 5.86
N GLN A 17 -14.53 20.52 6.59
CA GLN A 17 -14.47 20.56 8.05
C GLN A 17 -13.09 20.14 8.54
N ARG A 18 -12.78 20.42 9.81
CA ARG A 18 -11.48 20.07 10.36
C ARG A 18 -11.40 18.68 10.95
N ALA A 19 -10.17 18.16 11.01
CA ALA A 19 -9.89 16.85 11.56
C ALA A 19 -8.84 17.03 12.66
N THR A 20 -8.91 16.17 13.68
CA THR A 20 -7.96 16.24 14.78
C THR A 20 -7.47 14.84 15.12
N ILE A 21 -6.17 14.64 14.97
CA ILE A 21 -5.54 13.36 15.25
C ILE A 21 -4.57 13.49 16.40
N SER A 22 -4.73 12.63 17.41
CA SER A 22 -3.88 12.65 18.60
C SER A 22 -2.80 11.57 18.58
N CYS A 23 -1.76 11.81 19.37
CA CYS A 23 -0.65 10.88 19.51
C CYS A 23 -0.08 11.05 20.92
N ARG A 24 -0.35 10.06 21.76
CA ARG A 24 0.12 10.08 23.13
C ARG A 24 1.37 9.23 23.26
N ALA A 25 2.38 9.77 23.93
CA ALA A 25 3.63 9.07 24.14
C ALA A 25 3.68 8.55 25.57
N SER A 26 4.18 7.33 25.75
CA SER A 26 4.27 6.72 27.07
C SER A 26 5.30 7.43 27.94
N GLU A 27 6.25 8.11 27.30
CA GLU A 27 7.31 8.84 27.98
C GLU A 27 7.51 10.17 27.25
N SER A 28 8.07 11.14 27.95
CA SER A 28 8.34 12.46 27.37
C SER A 28 9.19 12.38 26.11
N VAL A 29 8.77 13.10 25.08
CA VAL A 29 9.46 13.16 23.80
C VAL A 29 10.27 14.46 23.74
N ASP A 30 10.26 15.20 24.85
CA ASP A 30 10.96 16.46 24.94
C ASP A 30 12.41 16.35 25.38
N SER A 31 13.22 17.27 24.86
CA SER A 31 14.64 17.33 25.17
C SER A 31 15.12 18.72 24.78
N TYR A 32 15.67 19.44 25.75
CA TYR A 32 16.17 20.81 25.55
C TYR A 32 15.06 21.82 25.25
N GLY A 33 13.86 21.53 25.72
CA GLY A 33 12.74 22.41 25.48
C GLY A 33 12.08 22.20 24.14
N ASN A 34 12.60 21.24 23.36
CA ASN A 34 12.07 20.94 22.04
C ASN A 34 11.37 19.58 22.06
N SER A 35 10.27 19.47 21.33
CA SER A 35 9.51 18.23 21.23
C SER A 35 9.88 17.52 19.94
N PHE A 36 10.49 16.35 20.05
CA PHE A 36 10.90 15.59 18.88
C PHE A 36 9.83 14.64 18.34
N MET A 37 8.66 15.21 18.05
CA MET A 37 7.54 14.45 17.51
C MET A 37 7.40 14.86 16.04
N HIS A 38 7.13 13.91 15.17
CA HIS A 38 6.99 14.20 13.74
C HIS A 38 5.73 13.58 13.16
N TRP A 39 5.14 14.27 12.19
CA TRP A 39 3.92 13.78 11.55
C TRP A 39 4.15 13.49 10.07
N TYR A 40 3.54 12.41 9.59
CA TYR A 40 3.67 12.00 8.20
C TYR A 40 2.33 11.68 7.55
N GLN A 41 2.29 11.83 6.23
CA GLN A 41 1.10 11.55 5.43
C GLN A 41 1.48 10.53 4.38
N GLN A 42 0.80 9.38 4.41
CA GLN A 42 1.09 8.33 3.46
C GLN A 42 -0.12 7.95 2.62
N LYS A 43 0.02 8.15 1.32
CA LYS A 43 -1.01 7.81 0.36
C LYS A 43 -0.61 6.47 -0.24
N PRO A 44 -1.58 5.68 -0.71
CA PRO A 44 -1.33 4.36 -1.31
C PRO A 44 -0.29 4.36 -2.42
N GLY A 45 0.66 3.42 -2.33
CA GLY A 45 1.71 3.29 -3.32
C GLY A 45 2.85 4.28 -3.19
N GLN A 46 2.85 5.08 -2.12
CA GLN A 46 3.90 6.06 -1.89
C GLN A 46 4.43 5.99 -0.46
N PRO A 47 5.68 6.44 -0.26
CA PRO A 47 6.31 6.43 1.07
C PRO A 47 5.78 7.59 1.91
N PRO A 48 5.95 7.53 3.24
CA PRO A 48 5.47 8.63 4.11
C PRO A 48 6.04 9.98 3.67
N LYS A 49 5.23 11.01 3.86
CA LYS A 49 5.61 12.38 3.49
C LYS A 49 5.58 13.25 4.74
N LEU A 50 6.70 13.90 5.04
CA LEU A 50 6.79 14.75 6.22
C LEU A 50 5.87 15.95 6.13
N LEU A 51 5.00 16.09 7.13
CA LEU A 51 4.06 17.20 7.19
C LEU A 51 4.54 18.23 8.21
N ILE A 52 4.91 17.74 9.39
CA ILE A 52 5.36 18.59 10.48
C ILE A 52 6.54 17.96 11.20
N TYR A 53 7.57 18.75 11.47
CA TYR A 53 8.74 18.27 12.19
C TYR A 53 8.82 18.96 13.54
N ARG A 54 9.15 18.20 14.57
CA ARG A 54 9.25 18.71 15.93
C ARG A 54 7.96 19.32 16.51
N ALA A 55 6.86 18.57 16.40
CA ALA A 55 5.55 18.94 16.94
C ALA A 55 4.77 20.11 16.33
N SER A 56 5.44 21.23 16.06
CA SER A 56 4.74 22.39 15.53
C SER A 56 5.31 23.06 14.27
N ASN A 57 6.45 22.58 13.79
CA ASN A 57 7.06 23.19 12.61
C ASN A 57 6.54 22.64 11.30
N LEU A 58 5.89 23.49 10.52
CA LEU A 58 5.33 23.12 9.23
C LEU A 58 6.42 22.96 8.18
N GLU A 59 6.52 21.77 7.60
CA GLU A 59 7.51 21.50 6.57
C GLU A 59 7.15 22.32 5.34
N SER A 60 8.17 22.91 4.69
CA SER A 60 7.92 23.72 3.50
C SER A 60 7.29 22.87 2.40
N GLY A 61 6.38 23.46 1.64
CA GLY A 61 5.71 22.73 0.58
C GLY A 61 4.37 22.17 1.05
N ILE A 62 4.26 21.97 2.36
CA ILE A 62 3.03 21.44 2.96
C ILE A 62 2.05 22.59 3.16
N PRO A 63 0.82 22.44 2.65
CA PRO A 63 -0.18 23.50 2.80
C PRO A 63 -0.51 23.82 4.26
N ALA A 64 -0.84 25.09 4.50
CA ALA A 64 -1.16 25.61 5.83
C ALA A 64 -2.32 24.90 6.52
N ARG A 65 -3.09 24.11 5.78
CA ARG A 65 -4.20 23.36 6.34
C ARG A 65 -3.71 22.55 7.54
N PHE A 66 -2.50 22.02 7.41
CA PHE A 66 -1.88 21.21 8.45
C PHE A 66 -1.15 22.07 9.46
N SER A 67 -1.32 21.72 10.74
CA SER A 67 -0.68 22.42 11.83
C SER A 67 -0.47 21.41 12.96
N GLY A 68 0.52 21.66 13.80
CA GLY A 68 0.80 20.76 14.90
C GLY A 68 0.96 21.48 16.22
N SER A 69 0.67 20.77 17.31
CA SER A 69 0.80 21.34 18.64
C SER A 69 0.98 20.23 19.68
N GLY A 70 1.41 20.62 20.87
CA GLY A 70 1.62 19.65 21.94
C GLY A 70 3.03 19.67 22.48
N SER A 71 3.21 18.99 23.61
CA SER A 71 4.51 18.90 24.26
C SER A 71 4.55 17.70 25.21
N ARG A 72 5.76 17.33 25.60
CA ARG A 72 6.00 16.23 26.52
C ARG A 72 5.45 14.88 26.05
N THR A 73 4.17 14.62 26.29
CA THR A 73 3.55 13.36 25.90
C THR A 73 2.34 13.46 24.98
N ASP A 74 1.60 14.56 25.07
CA ASP A 74 0.39 14.73 24.26
C ASP A 74 0.62 15.63 23.05
N PHE A 75 0.33 15.09 21.87
CA PHE A 75 0.51 15.83 20.62
C PHE A 75 -0.71 15.76 19.72
N THR A 76 -0.82 16.74 18.82
CA THR A 76 -1.96 16.84 17.91
C THR A 76 -1.60 17.32 16.51
N LEU A 77 -2.27 16.72 15.52
CA LEU A 77 -2.12 17.08 14.12
C LEU A 77 -3.49 17.59 13.70
N THR A 78 -3.52 18.78 13.13
CA THR A 78 -4.77 19.40 12.72
C THR A 78 -4.82 19.72 11.23
N ILE A 79 -5.85 19.20 10.57
CA ILE A 79 -6.06 19.45 9.15
C ILE A 79 -7.31 20.32 9.11
N ASN A 80 -7.15 21.58 8.74
CA ASN A 80 -8.27 22.51 8.71
C ASN A 80 -8.16 23.51 7.57
N PRO A 81 -9.02 23.37 6.54
CA PRO A 81 -10.07 22.34 6.43
C PRO A 81 -9.56 21.09 5.72
N VAL A 82 -10.37 20.04 5.71
CA VAL A 82 -10.00 18.79 5.04
C VAL A 82 -10.39 18.85 3.56
N GLU A 83 -9.39 18.69 2.69
CA GLU A 83 -9.58 18.72 1.25
C GLU A 83 -9.69 17.28 0.75
N ALA A 84 -10.09 17.11 -0.50
CA ALA A 84 -10.26 15.79 -1.10
C ALA A 84 -8.95 15.01 -1.22
N ASP A 85 -7.85 15.71 -1.49
CA ASP A 85 -6.54 15.08 -1.63
C ASP A 85 -5.86 14.79 -0.30
N ASP A 86 -6.57 15.03 0.80
CA ASP A 86 -6.02 14.79 2.14
C ASP A 86 -6.26 13.37 2.65
N VAL A 87 -7.02 12.58 1.90
CA VAL A 87 -7.29 11.20 2.28
C VAL A 87 -5.97 10.42 2.28
N ALA A 88 -5.61 9.88 3.44
CA ALA A 88 -4.37 9.12 3.61
C ALA A 88 -4.27 8.61 5.04
N THR A 89 -3.16 7.97 5.35
CA THR A 89 -2.92 7.46 6.70
C THR A 89 -1.85 8.34 7.33
N TYR A 90 -2.13 8.87 8.51
CA TYR A 90 -1.20 9.75 9.19
C TYR A 90 -0.52 9.08 10.38
N TYR A 91 0.81 9.19 10.42
CA TYR A 91 1.60 8.58 11.47
C TYR A 91 2.37 9.62 12.27
N CYS A 92 2.55 9.33 13.56
CA CYS A 92 3.34 10.20 14.41
C CYS A 92 4.62 9.44 14.72
N GLN A 93 5.71 10.15 14.96
CA GLN A 93 6.99 9.50 15.22
C GLN A 93 7.85 10.29 16.17
N GLN A 94 8.45 9.61 17.15
CA GLN A 94 9.31 10.28 18.10
C GLN A 94 10.78 9.97 17.80
N SER A 95 11.64 10.97 17.98
CA SER A 95 13.06 10.80 17.75
C SER A 95 13.86 11.33 18.93
N ASN A 96 13.22 11.34 20.10
CA ASN A 96 13.86 11.81 21.32
C ASN A 96 14.70 10.70 21.93
N GLU A 97 14.28 9.45 21.75
CA GLU A 97 15.02 8.32 22.32
C GLU A 97 15.24 7.20 21.31
N ASP A 98 16.41 6.57 21.41
CA ASP A 98 16.77 5.44 20.57
C ASP A 98 16.20 4.26 21.34
N PRO A 99 15.40 3.38 20.69
CA PRO A 99 14.98 3.41 19.27
C PRO A 99 13.84 4.37 18.94
N LEU A 100 13.86 4.86 17.70
CA LEU A 100 12.83 5.75 17.21
C LEU A 100 11.58 4.90 17.01
N THR A 101 10.42 5.41 17.41
CA THR A 101 9.17 4.67 17.29
C THR A 101 8.08 5.43 16.55
N PHE A 102 7.24 4.69 15.85
CA PHE A 102 6.11 5.26 15.11
C PHE A 102 4.79 4.87 15.74
N GLY A 103 3.76 5.66 15.49
CA GLY A 103 2.44 5.36 16.01
C GLY A 103 1.82 4.38 15.05
N ALA A 104 0.69 3.78 15.43
CA ALA A 104 0.02 2.81 14.56
C ALA A 104 -0.61 3.43 13.32
N GLY A 105 -0.82 4.75 13.35
CA GLY A 105 -1.41 5.42 12.20
C GLY A 105 -2.89 5.67 12.32
N THR A 106 -3.35 6.70 11.61
CA THR A 106 -4.76 7.08 11.59
C THR A 106 -5.20 7.31 10.15
N LYS A 107 -6.08 6.44 9.66
CA LYS A 107 -6.57 6.56 8.30
C LYS A 107 -7.71 7.58 8.23
N LEU A 108 -7.52 8.60 7.40
CA LEU A 108 -8.52 9.65 7.22
C LEU A 108 -9.32 9.41 5.96
N GLU A 109 -10.65 9.36 6.11
CA GLU A 109 -11.53 9.16 4.98
C GLU A 109 -12.56 10.28 4.92
N LEU A 110 -12.91 10.71 3.71
CA LEU A 110 -13.87 11.79 3.50
C LEU A 110 -15.33 11.34 3.47
N LYS A 111 -16.17 12.09 4.16
CA LYS A 111 -17.61 11.82 4.19
C LYS A 111 -18.24 12.42 2.95
N ARG A 112 -18.11 11.71 1.83
CA ARG A 112 -18.65 12.14 0.55
C ARG A 112 -20.14 11.76 0.50
N ALA A 113 -20.85 12.25 -0.51
CA ALA A 113 -22.27 11.94 -0.67
C ALA A 113 -22.42 10.47 -1.05
N ASP A 114 -23.62 9.94 -0.85
CA ASP A 114 -23.90 8.54 -1.18
C ASP A 114 -23.85 8.29 -2.68
N ALA A 115 -23.34 7.12 -3.06
CA ALA A 115 -23.23 6.74 -4.46
C ALA A 115 -23.41 5.23 -4.60
N ALA A 116 -24.24 4.82 -5.56
CA ALA A 116 -24.52 3.41 -5.80
C ALA A 116 -23.40 2.75 -6.62
N PRO A 117 -23.11 1.47 -6.34
CA PRO A 117 -22.08 0.72 -7.05
C PRO A 117 -22.45 0.36 -8.49
N THR A 118 -21.44 0.27 -9.34
CA THR A 118 -21.61 -0.10 -10.75
C THR A 118 -21.14 -1.55 -10.85
N VAL A 119 -22.08 -2.47 -10.64
CA VAL A 119 -21.78 -3.90 -10.67
C VAL A 119 -21.59 -4.43 -12.08
N SER A 120 -20.54 -5.24 -12.25
CA SER A 120 -20.22 -5.85 -13.53
C SER A 120 -19.74 -7.28 -13.31
N ILE A 121 -20.52 -8.24 -13.80
CA ILE A 121 -20.18 -9.65 -13.63
C ILE A 121 -19.38 -10.17 -14.84
N PHE A 122 -18.36 -10.97 -14.54
CA PHE A 122 -17.49 -11.54 -15.56
C PHE A 122 -17.35 -13.05 -15.43
N PRO A 123 -17.81 -13.78 -16.44
CA PRO A 123 -17.74 -15.26 -16.47
C PRO A 123 -16.28 -15.72 -16.59
N PRO A 124 -16.01 -16.99 -16.26
CA PRO A 124 -14.67 -17.57 -16.33
C PRO A 124 -14.04 -17.46 -17.72
N SER A 125 -12.74 -17.15 -17.75
CA SER A 125 -12.01 -17.03 -19.00
C SER A 125 -11.86 -18.40 -19.63
N SER A 126 -11.90 -18.45 -20.96
CA SER A 126 -11.78 -19.71 -21.70
C SER A 126 -10.44 -20.35 -21.40
N GLU A 127 -9.43 -19.49 -21.20
CA GLU A 127 -8.07 -19.92 -20.89
C GLU A 127 -7.99 -20.58 -19.52
N GLN A 128 -8.76 -20.06 -18.57
CA GLN A 128 -8.78 -20.60 -17.20
C GLN A 128 -9.45 -21.96 -17.16
N LEU A 129 -10.43 -22.18 -18.04
CA LEU A 129 -11.16 -23.43 -18.11
C LEU A 129 -10.23 -24.56 -18.53
N THR A 130 -9.18 -24.22 -19.27
CA THR A 130 -8.19 -25.19 -19.73
C THR A 130 -7.32 -25.66 -18.57
N SER A 131 -7.19 -24.80 -17.55
CA SER A 131 -6.38 -25.12 -16.38
C SER A 131 -7.17 -25.94 -15.35
N GLY A 132 -8.46 -26.11 -15.60
CA GLY A 132 -9.31 -26.87 -14.70
C GLY A 132 -9.94 -26.01 -13.62
N GLY A 133 -9.85 -24.69 -13.79
CA GLY A 133 -10.42 -23.76 -12.83
C GLY A 133 -11.53 -22.92 -13.41
N ALA A 134 -12.25 -22.23 -12.53
CA ALA A 134 -13.35 -21.38 -12.95
C ALA A 134 -13.69 -20.32 -11.90
N SER A 135 -13.17 -19.12 -12.11
CA SER A 135 -13.42 -18.00 -11.21
C SER A 135 -14.36 -16.99 -11.85
N VAL A 136 -15.44 -16.66 -11.15
CA VAL A 136 -16.41 -15.70 -11.65
C VAL A 136 -16.17 -14.40 -10.88
N VAL A 137 -15.68 -13.39 -11.59
CA VAL A 137 -15.37 -12.09 -10.99
C VAL A 137 -16.56 -11.15 -11.05
N CYS A 138 -16.62 -10.22 -10.10
CA CYS A 138 -17.69 -9.25 -10.04
C CYS A 138 -17.15 -7.93 -9.50
N PHE A 139 -17.09 -6.92 -10.37
CA PHE A 139 -16.58 -5.60 -10.00
C PHE A 139 -17.71 -4.65 -9.60
N LEU A 140 -17.57 -4.06 -8.42
CA LEU A 140 -18.54 -3.10 -7.89
C LEU A 140 -17.77 -1.79 -7.78
N ASN A 141 -17.81 -1.02 -8.86
CA ASN A 141 -17.06 0.24 -8.93
C ASN A 141 -17.76 1.53 -8.55
N ASN A 142 -16.98 2.41 -7.92
CA ASN A 142 -17.40 3.73 -7.48
C ASN A 142 -18.66 3.82 -6.63
N PHE A 143 -18.49 3.60 -5.32
CA PHE A 143 -19.60 3.65 -4.37
C PHE A 143 -19.18 4.21 -3.00
N TYR A 144 -20.17 4.64 -2.22
CA TYR A 144 -19.92 5.19 -0.89
C TYR A 144 -21.20 5.01 -0.06
N PRO A 145 -21.07 4.60 1.21
CA PRO A 145 -19.86 4.27 1.96
C PRO A 145 -19.17 2.97 1.52
N LYS A 146 -18.11 2.62 2.24
CA LYS A 146 -17.33 1.42 1.97
C LYS A 146 -18.09 0.13 2.28
N ASP A 147 -18.86 0.14 3.37
CA ASP A 147 -19.63 -1.04 3.76
C ASP A 147 -20.67 -1.40 2.71
N ILE A 148 -20.49 -2.58 2.11
CA ILE A 148 -21.39 -3.07 1.07
C ILE A 148 -21.62 -4.56 1.33
N ASN A 149 -22.39 -5.22 0.46
CA ASN A 149 -22.68 -6.63 0.62
C ASN A 149 -22.82 -7.34 -0.72
N VAL A 150 -22.12 -8.46 -0.87
CA VAL A 150 -22.17 -9.24 -2.10
C VAL A 150 -22.61 -10.68 -1.80
N ARG A 151 -23.68 -11.10 -2.45
CA ARG A 151 -24.21 -12.45 -2.26
C ARG A 151 -24.28 -13.19 -3.58
N TRP A 152 -23.41 -14.18 -3.74
CA TRP A 152 -23.36 -14.99 -4.96
C TRP A 152 -24.48 -16.02 -5.03
N LYS A 153 -25.08 -16.16 -6.21
CA LYS A 153 -26.16 -17.12 -6.41
C LYS A 153 -25.95 -18.03 -7.61
N ILE A 154 -25.62 -19.28 -7.33
CA ILE A 154 -25.39 -20.28 -8.37
C ILE A 154 -26.66 -21.13 -8.47
N ASP A 155 -27.42 -20.90 -9.55
CA ASP A 155 -28.68 -21.61 -9.79
C ASP A 155 -29.69 -21.31 -8.68
N GLY A 156 -29.70 -20.05 -8.24
CA GLY A 156 -30.59 -19.64 -7.18
C GLY A 156 -30.03 -19.82 -5.78
N SER A 157 -29.09 -20.74 -5.63
CA SER A 157 -28.47 -21.02 -4.33
C SER A 157 -27.47 -19.94 -3.93
N GLU A 158 -27.32 -19.71 -2.62
CA GLU A 158 -26.43 -18.67 -2.11
C GLU A 158 -25.02 -19.17 -1.72
N ARG A 159 -24.23 -19.55 -2.72
CA ARG A 159 -22.86 -20.04 -2.52
C ARG A 159 -22.06 -19.22 -1.49
N GLN A 160 -21.70 -19.86 -0.39
CA GLN A 160 -20.96 -19.20 0.68
C GLN A 160 -19.46 -19.46 0.67
N ASN A 161 -19.06 -20.61 0.16
CA ASN A 161 -17.64 -20.99 0.13
C ASN A 161 -16.89 -20.56 -1.13
N GLY A 162 -15.67 -20.08 -0.93
CA GLY A 162 -14.83 -19.67 -2.04
C GLY A 162 -15.04 -18.27 -2.59
N VAL A 163 -15.21 -17.30 -1.70
CA VAL A 163 -15.40 -15.92 -2.13
C VAL A 163 -14.24 -15.05 -1.64
N LEU A 164 -13.37 -14.67 -2.56
CA LEU A 164 -12.22 -13.83 -2.22
C LEU A 164 -12.52 -12.38 -2.59
N ASN A 165 -12.69 -11.55 -1.57
CA ASN A 165 -12.99 -10.14 -1.75
C ASN A 165 -11.79 -9.23 -1.59
N SER A 166 -11.90 -8.02 -2.12
CA SER A 166 -10.83 -7.03 -2.06
C SER A 166 -11.36 -5.62 -2.31
N TRP A 167 -11.09 -4.71 -1.37
CA TRP A 167 -11.51 -3.33 -1.47
C TRP A 167 -10.34 -2.41 -1.77
N THR A 168 -10.55 -1.43 -2.66
CA THR A 168 -9.52 -0.45 -2.99
C THR A 168 -9.58 0.67 -1.95
N ASP A 169 -8.56 1.51 -1.93
CA ASP A 169 -8.53 2.62 -1.00
C ASP A 169 -9.40 3.72 -1.59
N GLN A 170 -9.95 4.57 -0.72
CA GLN A 170 -10.82 5.66 -1.18
C GLN A 170 -10.11 6.55 -2.19
N ASP A 171 -10.74 6.75 -3.34
CA ASP A 171 -10.20 7.56 -4.43
C ASP A 171 -9.93 8.99 -3.97
N SER A 172 -8.79 9.53 -4.41
CA SER A 172 -8.36 10.88 -4.05
C SER A 172 -9.14 12.00 -4.76
N LYS A 173 -9.90 11.64 -5.79
CA LYS A 173 -10.67 12.63 -6.55
C LYS A 173 -12.17 12.60 -6.26
N ASP A 174 -12.83 11.48 -6.59
CA ASP A 174 -14.26 11.36 -6.38
C ASP A 174 -14.64 10.81 -5.00
N SER A 175 -13.65 10.52 -4.18
CA SER A 175 -13.86 10.02 -2.81
C SER A 175 -14.71 8.75 -2.69
N THR A 176 -14.74 7.92 -3.73
CA THR A 176 -15.51 6.69 -3.69
C THR A 176 -14.64 5.46 -3.46
N TYR A 177 -15.28 4.30 -3.39
CA TYR A 177 -14.60 3.03 -3.20
C TYR A 177 -14.95 2.08 -4.33
N SER A 178 -14.21 0.99 -4.41
CA SER A 178 -14.44 -0.05 -5.41
C SER A 178 -14.18 -1.39 -4.77
N MET A 179 -14.92 -2.41 -5.19
CA MET A 179 -14.78 -3.74 -4.61
C MET A 179 -14.79 -4.82 -5.69
N SER A 180 -14.09 -5.91 -5.43
CA SER A 180 -14.03 -7.03 -6.36
C SER A 180 -14.36 -8.31 -5.62
N SER A 181 -15.43 -8.97 -6.03
CA SER A 181 -15.87 -10.22 -5.43
C SER A 181 -15.55 -11.33 -6.41
N THR A 182 -14.85 -12.36 -5.95
CA THR A 182 -14.48 -13.47 -6.81
C THR A 182 -14.92 -14.81 -6.24
N LEU A 183 -15.75 -15.52 -6.99
CA LEU A 183 -16.22 -16.83 -6.58
C LEU A 183 -15.38 -17.83 -7.36
N THR A 184 -14.54 -18.57 -6.65
CA THR A 184 -13.67 -19.55 -7.29
C THR A 184 -14.18 -20.98 -7.12
N LEU A 185 -14.33 -21.66 -8.24
CA LEU A 185 -14.80 -23.04 -8.25
C LEU A 185 -13.98 -23.84 -9.26
N THR A 186 -14.21 -25.15 -9.29
CA THR A 186 -13.51 -26.03 -10.23
C THR A 186 -14.32 -25.97 -11.52
N LYS A 187 -13.72 -26.43 -12.62
CA LYS A 187 -14.43 -26.41 -13.91
C LYS A 187 -15.62 -27.37 -13.90
N ASP A 188 -15.46 -28.50 -13.21
CA ASP A 188 -16.52 -29.51 -13.13
C ASP A 188 -17.78 -28.97 -12.45
N GLU A 189 -17.62 -28.28 -11.33
CA GLU A 189 -18.76 -27.73 -10.60
C GLU A 189 -19.35 -26.55 -11.39
N TYR A 190 -18.48 -25.83 -12.08
CA TYR A 190 -18.90 -24.68 -12.90
C TYR A 190 -19.78 -25.14 -14.05
N GLU A 191 -19.48 -26.32 -14.59
CA GLU A 191 -20.23 -26.87 -15.71
C GLU A 191 -21.47 -27.64 -15.27
N ARG A 192 -21.58 -27.88 -13.96
CA ARG A 192 -22.73 -28.58 -13.40
C ARG A 192 -23.97 -27.69 -13.39
N HIS A 193 -23.75 -26.41 -13.11
CA HIS A 193 -24.83 -25.43 -13.06
C HIS A 193 -24.88 -24.55 -14.31
N ASN A 194 -25.84 -23.62 -14.35
CA ASN A 194 -25.98 -22.74 -15.50
C ASN A 194 -25.99 -21.25 -15.14
N SER A 195 -26.91 -20.83 -14.28
CA SER A 195 -27.02 -19.42 -13.89
C SER A 195 -26.13 -19.01 -12.72
N TYR A 196 -25.40 -17.91 -12.91
CA TYR A 196 -24.52 -17.37 -11.88
C TYR A 196 -24.87 -15.91 -11.62
N THR A 197 -25.20 -15.60 -10.37
CA THR A 197 -25.61 -14.26 -9.99
C THR A 197 -24.69 -13.60 -8.96
N CYS A 198 -24.59 -12.27 -9.07
CA CYS A 198 -23.79 -11.46 -8.16
C CYS A 198 -24.66 -10.30 -7.69
N GLU A 199 -25.16 -10.39 -6.47
CA GLU A 199 -26.03 -9.36 -5.91
C GLU A 199 -25.27 -8.39 -5.02
N ALA A 200 -25.62 -7.11 -5.11
CA ALA A 200 -24.97 -6.08 -4.31
C ALA A 200 -25.97 -5.26 -3.50
N THR A 201 -26.02 -5.49 -2.20
CA THR A 201 -26.90 -4.75 -1.32
C THR A 201 -26.14 -3.57 -0.72
N HIS A 202 -26.65 -2.37 -0.97
CA HIS A 202 -26.03 -1.15 -0.49
C HIS A 202 -27.09 -0.21 0.08
N LYS A 203 -26.65 0.74 0.91
CA LYS A 203 -27.56 1.70 1.55
C LYS A 203 -28.25 2.69 0.61
N THR A 204 -27.71 2.86 -0.61
CA THR A 204 -28.29 3.78 -1.58
C THR A 204 -29.61 3.31 -2.19
N SER A 205 -29.85 2.01 -2.13
CA SER A 205 -31.08 1.43 -2.69
C SER A 205 -31.53 0.21 -1.90
N THR A 206 -32.84 0.12 -1.65
CA THR A 206 -33.42 -1.00 -0.91
C THR A 206 -33.30 -2.28 -1.71
N SER A 207 -33.50 -2.18 -3.03
CA SER A 207 -33.41 -3.33 -3.92
C SER A 207 -31.97 -3.53 -4.38
N PRO A 208 -31.41 -4.72 -4.11
CA PRO A 208 -30.03 -5.05 -4.50
C PRO A 208 -29.77 -4.99 -6.01
N ILE A 209 -28.56 -4.60 -6.37
CA ILE A 209 -28.17 -4.50 -7.77
C ILE A 209 -27.74 -5.89 -8.24
N VAL A 210 -28.65 -6.55 -8.95
CA VAL A 210 -28.41 -7.90 -9.45
C VAL A 210 -27.77 -7.94 -10.83
N LYS A 211 -26.71 -8.72 -10.96
CA LYS A 211 -25.98 -8.89 -12.21
C LYS A 211 -25.68 -10.38 -12.36
N SER A 212 -26.22 -10.99 -13.40
CA SER A 212 -26.02 -12.42 -13.63
C SER A 212 -25.86 -12.77 -15.11
N PHE A 213 -25.45 -14.00 -15.35
CA PHE A 213 -25.27 -14.49 -16.71
C PHE A 213 -25.63 -15.97 -16.79
N ASN A 214 -26.09 -16.39 -17.96
CA ASN A 214 -26.43 -17.78 -18.19
C ASN A 214 -25.23 -18.44 -18.84
N ARG A 215 -24.66 -19.44 -18.17
CA ARG A 215 -23.50 -20.15 -18.73
C ARG A 215 -23.88 -20.87 -20.01
N ALA A 216 -22.98 -20.75 -21.00
CA ALA A 216 -23.14 -21.33 -22.33
C ALA A 216 -21.81 -21.71 -22.95
N GLN B 2 18.19 14.77 -2.69
CA GLN B 2 16.99 13.90 -2.81
C GLN B 2 16.83 13.22 -4.17
N MET B 3 16.60 11.92 -4.09
CA MET B 3 16.38 10.96 -5.17
C MET B 3 17.17 9.75 -4.71
N LEU B 4 16.47 8.90 -3.96
CA LEU B 4 17.06 7.70 -3.39
C LEU B 4 16.44 6.47 -4.02
N VAL B 5 17.24 5.76 -4.81
CA VAL B 5 16.78 4.56 -5.48
C VAL B 5 17.38 3.33 -4.83
N GLU B 6 16.58 2.63 -4.04
CA GLU B 6 17.02 1.43 -3.37
C GLU B 6 16.74 0.19 -4.21
N SER B 7 17.60 -0.81 -4.10
CA SER B 7 17.47 -2.05 -4.84
C SER B 7 17.99 -3.23 -4.02
N GLY B 8 17.67 -4.44 -4.44
CA GLY B 8 18.12 -5.62 -3.73
C GLY B 8 17.00 -6.42 -3.10
N GLY B 9 15.78 -5.89 -3.15
CA GLY B 9 14.63 -6.59 -2.58
C GLY B 9 14.37 -7.90 -3.29
N ASP B 10 14.19 -8.97 -2.53
CA ASP B 10 13.95 -10.28 -3.10
C ASP B 10 13.40 -11.25 -2.05
N LEU B 11 12.93 -12.41 -2.51
CA LEU B 11 12.38 -13.44 -1.64
C LEU B 11 13.55 -14.26 -1.09
N VAL B 12 13.67 -14.30 0.23
CA VAL B 12 14.73 -15.05 0.89
C VAL B 12 14.13 -16.02 1.89
N LYS B 13 14.81 -17.14 2.09
CA LYS B 13 14.36 -18.17 3.02
C LYS B 13 14.73 -17.75 4.45
N PRO B 14 13.92 -18.17 5.44
CA PRO B 14 14.16 -17.82 6.84
C PRO B 14 15.55 -18.27 7.29
N GLY B 15 16.29 -17.32 7.89
CA GLY B 15 17.64 -17.60 8.34
C GLY B 15 18.69 -17.24 7.31
N GLY B 16 18.24 -16.77 6.15
CA GLY B 16 19.14 -16.39 5.08
C GLY B 16 19.69 -14.97 5.19
N SER B 17 20.46 -14.58 4.18
CA SER B 17 21.06 -13.25 4.14
C SER B 17 20.69 -12.52 2.86
N LEU B 18 20.64 -11.20 2.92
CA LEU B 18 20.30 -10.35 1.77
C LEU B 18 20.85 -8.95 2.00
N LYS B 19 21.41 -8.36 0.96
CA LYS B 19 21.97 -7.01 1.08
C LYS B 19 21.19 -6.02 0.21
N LEU B 20 20.86 -4.87 0.80
CA LEU B 20 20.13 -3.83 0.09
C LEU B 20 21.06 -2.67 -0.24
N SER B 21 20.78 -2.00 -1.35
CA SER B 21 21.58 -0.86 -1.77
C SER B 21 20.67 0.34 -1.99
N CYS B 22 21.27 1.52 -2.02
CA CYS B 22 20.54 2.76 -2.25
C CYS B 22 21.43 3.78 -2.94
N ALA B 23 21.06 4.10 -4.19
CA ALA B 23 21.80 5.08 -4.98
C ALA B 23 21.31 6.48 -4.65
N ALA B 24 22.21 7.30 -4.11
CA ALA B 24 21.88 8.67 -3.75
C ALA B 24 22.48 9.61 -4.80
N SER B 25 21.62 10.42 -5.43
CA SER B 25 22.05 11.34 -6.45
C SER B 25 21.37 12.71 -6.32
N GLY B 26 22.09 13.75 -6.70
CA GLY B 26 21.53 15.09 -6.63
C GLY B 26 22.00 15.93 -5.46
N PHE B 27 22.48 15.28 -4.40
CA PHE B 27 22.95 16.01 -3.22
C PHE B 27 24.29 15.48 -2.73
N THR B 28 24.90 16.23 -1.82
CA THR B 28 26.19 15.84 -1.26
C THR B 28 25.99 14.78 -0.18
N PHE B 29 25.83 13.54 -0.63
CA PHE B 29 25.60 12.38 0.22
C PHE B 29 26.52 12.26 1.44
N SER B 30 27.82 12.45 1.20
CA SER B 30 28.83 12.37 2.25
C SER B 30 28.60 13.19 3.51
N SER B 31 27.85 14.28 3.38
CA SER B 31 27.58 15.16 4.53
C SER B 31 26.29 14.84 5.27
N TYR B 32 25.50 13.92 4.75
CA TYR B 32 24.23 13.56 5.37
C TYR B 32 24.16 12.24 6.12
N THR B 33 23.50 12.30 7.28
CA THR B 33 23.26 11.13 8.13
C THR B 33 22.11 10.40 7.43
N MET B 34 22.22 9.07 7.33
CA MET B 34 21.19 8.28 6.66
C MET B 34 20.47 7.28 7.56
N SER B 35 19.37 6.73 7.04
CA SER B 35 18.56 5.76 7.78
C SER B 35 17.82 4.78 6.88
N TRP B 36 17.38 3.68 7.48
CA TRP B 36 16.60 2.64 6.80
C TRP B 36 15.33 2.48 7.62
N VAL B 37 14.18 2.64 6.96
CA VAL B 37 12.89 2.49 7.63
C VAL B 37 12.05 1.52 6.80
N ARG B 38 11.45 0.54 7.46
CA ARG B 38 10.64 -0.45 6.76
C ARG B 38 9.17 -0.37 7.15
N GLN B 39 8.33 -1.02 6.34
CA GLN B 39 6.90 -1.07 6.60
C GLN B 39 6.38 -2.48 6.37
N THR B 40 5.97 -3.13 7.46
CA THR B 40 5.46 -4.49 7.43
C THR B 40 4.18 -4.58 6.59
N PRO B 41 3.74 -5.81 6.24
CA PRO B 41 2.52 -5.99 5.44
C PRO B 41 1.28 -5.39 6.14
N GLU B 42 1.37 -5.26 7.46
CA GLU B 42 0.29 -4.70 8.26
C GLU B 42 0.30 -3.16 8.24
N LYS B 43 1.14 -2.58 7.39
CA LYS B 43 1.27 -1.13 7.25
C LYS B 43 1.96 -0.47 8.43
N ARG B 44 2.67 -1.28 9.23
CA ARG B 44 3.39 -0.79 10.41
C ARG B 44 4.76 -0.22 10.05
N LEU B 45 5.00 1.04 10.41
CA LEU B 45 6.28 1.69 10.15
C LEU B 45 7.28 1.41 11.27
N GLU B 46 8.46 0.90 10.91
CA GLU B 46 9.50 0.56 11.86
C GLU B 46 10.88 1.07 11.48
N TRP B 47 11.50 1.83 12.37
CA TRP B 47 12.85 2.34 12.13
C TRP B 47 13.80 1.14 12.20
N VAL B 48 14.65 1.00 11.18
CA VAL B 48 15.58 -0.13 11.13
C VAL B 48 17.03 0.19 11.49
N ALA B 49 17.53 1.35 11.06
CA ALA B 49 18.92 1.72 11.34
C ALA B 49 19.26 3.15 10.93
N THR B 50 20.36 3.66 11.47
CA THR B 50 20.85 5.00 11.18
C THR B 50 22.38 4.98 11.20
N ILE B 51 22.98 5.72 10.27
CA ILE B 51 24.43 5.80 10.19
C ILE B 51 24.86 7.24 9.92
N SER B 52 25.89 7.68 10.64
CA SER B 52 26.42 9.03 10.51
C SER B 52 27.03 9.28 9.14
N SER B 53 27.25 10.55 8.81
CA SER B 53 27.82 10.94 7.52
C SER B 53 29.12 10.19 7.22
N GLY B 54 29.99 10.09 8.21
CA GLY B 54 31.26 9.40 8.04
C GLY B 54 31.12 7.89 8.18
N GLY B 55 30.11 7.46 8.92
CA GLY B 55 29.89 6.03 9.12
C GLY B 55 30.45 5.47 10.41
N ALA B 56 30.91 6.35 11.29
CA ALA B 56 31.48 5.92 12.57
C ALA B 56 30.39 5.53 13.57
N TYR B 57 29.28 6.25 13.55
CA TYR B 57 28.17 5.99 14.46
C TYR B 57 27.02 5.27 13.79
N THR B 58 26.63 4.14 14.36
CA THR B 58 25.52 3.33 13.85
C THR B 58 24.53 3.03 14.97
N TYR B 59 23.24 3.08 14.65
CA TYR B 59 22.20 2.84 15.63
C TYR B 59 21.21 1.81 15.08
N TYR B 60 20.79 0.87 15.93
CA TYR B 60 19.85 -0.18 15.53
C TYR B 60 18.92 -0.54 16.68
N PRO B 61 17.67 -0.91 16.35
CA PRO B 61 16.71 -1.31 17.39
C PRO B 61 17.09 -2.74 17.80
N ASP B 62 16.77 -3.13 19.04
CA ASP B 62 17.12 -4.46 19.55
C ASP B 62 16.67 -5.65 18.70
N SER B 63 15.54 -5.51 18.02
CA SER B 63 14.99 -6.58 17.18
C SER B 63 15.82 -6.78 15.91
N VAL B 64 16.67 -5.81 15.62
CA VAL B 64 17.51 -5.83 14.42
C VAL B 64 19.02 -5.91 14.71
N LYS B 65 19.43 -5.36 15.85
CA LYS B 65 20.84 -5.36 16.22
C LYS B 65 21.47 -6.74 16.27
N GLY B 66 22.66 -6.86 15.68
CA GLY B 66 23.36 -8.13 15.64
C GLY B 66 23.09 -8.94 14.39
N ARG B 67 22.09 -8.54 13.62
CA ARG B 67 21.73 -9.23 12.39
C ARG B 67 21.81 -8.33 11.18
N PHE B 68 21.47 -7.07 11.38
CA PHE B 68 21.50 -6.09 10.30
C PHE B 68 22.72 -5.20 10.50
N THR B 69 23.27 -4.70 9.39
CA THR B 69 24.43 -3.83 9.43
C THR B 69 24.30 -2.74 8.38
N ILE B 70 24.19 -1.49 8.84
CA ILE B 70 24.08 -0.35 7.95
C ILE B 70 25.47 0.25 7.75
N SER B 71 25.85 0.37 6.49
CA SER B 71 27.14 0.93 6.11
C SER B 71 26.94 1.77 4.85
N ASP B 72 27.95 2.52 4.46
CA ASP B 72 27.84 3.35 3.26
C ASP B 72 29.17 3.56 2.55
N ASP B 73 29.07 3.89 1.26
CA ASP B 73 30.22 4.15 0.42
C ASP B 73 30.09 5.60 -0.03
N ASN B 74 30.80 6.51 0.64
CA ASN B 74 30.74 7.92 0.29
C ASN B 74 31.41 8.27 -1.03
N ALA B 75 32.26 7.38 -1.51
CA ALA B 75 32.95 7.60 -2.79
C ALA B 75 31.94 7.58 -3.94
N GLU B 76 31.12 6.53 -4.00
CA GLU B 76 30.12 6.40 -5.05
C GLU B 76 28.70 6.81 -4.63
N SER B 77 28.57 7.33 -3.41
CA SER B 77 27.28 7.78 -2.87
C SER B 77 26.24 6.67 -2.81
N THR B 78 26.51 5.65 -1.99
CA THR B 78 25.59 4.52 -1.86
C THR B 78 25.41 4.07 -0.41
N LEU B 79 24.16 3.87 -0.01
CA LEU B 79 23.84 3.41 1.33
C LEU B 79 23.56 1.90 1.26
N TYR B 80 23.98 1.16 2.29
CA TYR B 80 23.79 -0.29 2.31
C TYR B 80 23.14 -0.81 3.58
N LEU B 81 22.51 -1.98 3.46
CA LEU B 81 21.87 -2.65 4.59
C LEU B 81 22.05 -4.16 4.47
N GLN B 82 23.02 -4.68 5.21
CA GLN B 82 23.30 -6.11 5.21
C GLN B 82 22.37 -6.79 6.21
N MET B 83 21.55 -7.70 5.71
CA MET B 83 20.61 -8.43 6.56
C MET B 83 21.03 -9.88 6.65
N SER B 84 21.04 -10.42 7.87
CA SER B 84 21.42 -11.80 8.09
C SER B 84 20.51 -12.42 9.14
N SER B 85 20.41 -13.76 9.13
CA SER B 85 19.55 -14.48 10.07
C SER B 85 18.13 -13.95 9.96
N LEU B 86 17.67 -13.79 8.72
CA LEU B 86 16.33 -13.27 8.44
C LEU B 86 15.18 -14.02 9.10
N ARG B 87 14.26 -13.25 9.65
CA ARG B 87 13.09 -13.79 10.33
C ARG B 87 11.84 -13.40 9.54
N SER B 88 10.74 -14.08 9.79
CA SER B 88 9.48 -13.78 9.10
C SER B 88 9.04 -12.33 9.32
N GLU B 89 9.33 -11.82 10.50
CA GLU B 89 8.98 -10.44 10.88
C GLU B 89 9.76 -9.38 10.11
N ASP B 90 10.79 -9.80 9.37
CA ASP B 90 11.60 -8.89 8.58
C ASP B 90 10.96 -8.64 7.21
N THR B 91 9.85 -9.34 6.95
CA THR B 91 9.12 -9.18 5.70
C THR B 91 8.54 -7.77 5.69
N ALA B 92 9.07 -6.93 4.81
CA ALA B 92 8.61 -5.55 4.73
C ALA B 92 9.18 -4.80 3.53
N MET B 93 8.66 -3.60 3.33
CA MET B 93 9.07 -2.72 2.26
C MET B 93 10.15 -1.82 2.88
N TYR B 94 11.38 -1.93 2.38
CA TYR B 94 12.49 -1.15 2.92
C TYR B 94 12.76 0.16 2.19
N TYR B 95 12.54 1.26 2.91
CA TYR B 95 12.74 2.60 2.39
C TYR B 95 14.08 3.19 2.80
N CYS B 96 14.77 3.80 1.84
CA CYS B 96 16.04 4.47 2.12
C CYS B 96 15.67 5.89 2.47
N VAL B 97 16.06 6.32 3.67
CA VAL B 97 15.72 7.66 4.13
C VAL B 97 16.91 8.52 4.53
N ARG B 98 16.91 9.76 4.04
CA ARG B 98 17.95 10.71 4.36
C ARG B 98 17.54 11.21 5.75
N ARG B 99 18.38 10.97 6.75
CA ARG B 99 18.09 11.35 8.13
C ARG B 99 18.25 12.82 8.53
N ALA B 100 19.43 13.40 8.32
CA ALA B 100 19.67 14.80 8.70
C ALA B 100 21.06 15.32 8.35
N PHE B 101 21.27 16.60 8.65
CA PHE B 101 22.54 17.29 8.42
C PHE B 101 22.93 18.00 9.72
N ASP B 102 22.19 19.07 10.04
CA ASP B 102 22.43 19.88 11.23
C ASP B 102 21.38 19.69 12.32
N SER B 103 20.12 19.61 11.88
CA SER B 103 19.00 19.49 12.80
C SER B 103 18.13 18.26 12.60
N ASP B 104 17.40 17.90 13.65
CA ASP B 104 16.50 16.75 13.59
C ASP B 104 15.19 17.27 13.00
N VAL B 105 15.04 17.09 11.69
CA VAL B 105 13.85 17.52 10.98
C VAL B 105 13.02 16.28 10.64
N GLY B 106 13.29 15.18 11.35
CA GLY B 106 12.59 13.94 11.12
C GLY B 106 13.06 13.26 9.85
N PHE B 107 12.16 12.56 9.19
CA PHE B 107 12.46 11.87 7.93
C PHE B 107 11.90 12.75 6.81
N ALA B 108 12.76 13.59 6.25
CA ALA B 108 12.36 14.52 5.20
C ALA B 108 12.29 13.96 3.78
N SER B 109 13.19 13.04 3.44
CA SER B 109 13.19 12.47 2.10
C SER B 109 13.27 10.94 2.12
N TRP B 110 12.26 10.30 1.55
CA TRP B 110 12.20 8.84 1.50
C TRP B 110 12.35 8.34 0.08
N GLY B 111 12.87 7.13 -0.07
CA GLY B 111 13.02 6.54 -1.38
C GLY B 111 11.69 5.85 -1.69
N HIS B 112 11.54 5.25 -2.87
CA HIS B 112 10.28 4.61 -3.21
C HIS B 112 10.14 3.16 -2.72
N ARG B 113 11.22 2.67 -2.09
CA ARG B 113 11.28 1.34 -1.48
C ARG B 113 11.63 0.11 -2.30
N THR B 114 12.04 -0.92 -1.57
CA THR B 114 12.42 -2.21 -2.13
C THR B 114 11.82 -3.29 -1.22
N LEU B 115 11.00 -4.16 -1.79
CA LEU B 115 10.34 -5.22 -1.04
C LEU B 115 11.18 -6.44 -0.74
N VAL B 116 11.28 -6.78 0.55
CA VAL B 116 12.02 -7.95 1.00
C VAL B 116 11.01 -8.92 1.62
N THR B 117 10.87 -10.09 1.01
CA THR B 117 9.94 -11.09 1.51
C THR B 117 10.70 -12.27 2.11
N VAL B 118 10.40 -12.57 3.38
CA VAL B 118 11.06 -13.67 4.07
C VAL B 118 10.03 -14.78 4.31
N SER B 119 10.03 -15.77 3.41
CA SER B 119 9.10 -16.89 3.49
C SER B 119 9.72 -18.19 2.99
N ALA B 120 9.15 -19.31 3.43
CA ALA B 120 9.62 -20.63 3.04
C ALA B 120 8.96 -21.11 1.74
N ALA B 121 7.88 -20.43 1.35
CA ALA B 121 7.16 -20.77 0.12
C ALA B 121 7.99 -20.53 -1.13
N LYS B 122 7.78 -21.36 -2.15
CA LYS B 122 8.50 -21.26 -3.41
C LYS B 122 7.90 -20.19 -4.33
N THR B 123 8.70 -19.73 -5.28
CA THR B 123 8.28 -18.73 -6.24
C THR B 123 7.34 -19.36 -7.27
N THR B 124 6.14 -18.80 -7.40
CA THR B 124 5.14 -19.30 -8.34
C THR B 124 4.71 -18.20 -9.31
N ALA B 125 4.79 -18.50 -10.60
CA ALA B 125 4.41 -17.56 -11.64
C ALA B 125 2.89 -17.42 -11.72
N PRO B 126 2.40 -16.19 -11.93
CA PRO B 126 0.96 -15.88 -12.03
C PRO B 126 0.31 -16.29 -13.35
N SER B 127 -1.00 -16.52 -13.27
CA SER B 127 -1.79 -16.90 -14.44
C SER B 127 -2.72 -15.74 -14.76
N VAL B 128 -2.44 -15.04 -15.86
CA VAL B 128 -3.24 -13.89 -16.28
C VAL B 128 -4.40 -14.32 -17.16
N TYR B 129 -5.61 -13.90 -16.78
CA TYR B 129 -6.81 -14.25 -17.53
C TYR B 129 -7.62 -13.03 -17.96
N PRO B 130 -7.92 -12.92 -19.26
CA PRO B 130 -8.70 -11.79 -19.77
C PRO B 130 -10.15 -11.90 -19.29
N LEU B 131 -10.69 -10.80 -18.77
CA LEU B 131 -12.06 -10.83 -18.30
C LEU B 131 -12.93 -9.95 -19.16
N ALA B 132 -13.48 -10.57 -20.18
CA ALA B 132 -14.37 -9.88 -21.07
C ALA B 132 -15.62 -9.81 -20.20
N PRO B 133 -16.47 -8.78 -20.36
CA PRO B 133 -17.69 -8.70 -19.54
C PRO B 133 -18.51 -9.92 -19.93
N VAL B 134 -19.81 -9.73 -20.04
CA VAL B 134 -20.62 -10.77 -20.65
C VAL B 134 -20.30 -9.95 -21.90
N CYS B 135 -19.10 -10.14 -22.43
CA CYS B 135 -18.67 -9.35 -23.55
C CYS B 135 -19.82 -9.39 -24.62
N GLY B 136 -20.72 -8.39 -24.51
CA GLY B 136 -21.87 -8.21 -25.40
C GLY B 136 -23.07 -7.58 -24.71
N SER B 142 -20.74 2.73 -22.04
CA SER B 142 -19.49 2.39 -21.32
C SER B 142 -19.34 0.88 -21.10
N VAL B 143 -18.20 0.34 -21.50
CA VAL B 143 -17.93 -1.09 -21.34
C VAL B 143 -16.82 -1.33 -20.31
N THR B 144 -17.12 -2.12 -19.31
CA THR B 144 -16.15 -2.45 -18.28
C THR B 144 -15.46 -3.76 -18.63
N LEU B 145 -14.14 -3.78 -18.46
CA LEU B 145 -13.36 -4.97 -18.75
C LEU B 145 -12.60 -5.31 -17.45
N GLY B 146 -11.95 -6.47 -17.43
CA GLY B 146 -11.22 -6.88 -16.23
C GLY B 146 -10.03 -7.82 -16.47
N CYS B 147 -9.14 -7.87 -15.48
CA CYS B 147 -7.97 -8.76 -15.55
C CYS B 147 -7.76 -9.57 -14.29
N LEU B 148 -7.61 -10.88 -14.45
CA LEU B 148 -7.38 -11.76 -13.30
C LEU B 148 -5.98 -12.37 -13.24
N VAL B 149 -5.20 -11.96 -12.24
CA VAL B 149 -3.86 -12.46 -12.01
C VAL B 149 -4.00 -13.37 -10.78
N LYS B 150 -4.19 -14.67 -11.03
CA LYS B 150 -4.39 -15.64 -9.98
C LYS B 150 -3.22 -16.59 -9.69
N GLY B 151 -3.04 -16.90 -8.40
CA GLY B 151 -2.01 -17.83 -7.98
C GLY B 151 -0.56 -17.45 -8.24
N TYR B 152 -0.02 -16.58 -7.40
CA TYR B 152 1.38 -16.16 -7.56
C TYR B 152 2.04 -15.84 -6.22
N PHE B 153 3.36 -16.02 -6.17
CA PHE B 153 4.14 -15.75 -4.97
C PHE B 153 5.60 -15.54 -5.31
N PRO B 154 6.25 -14.53 -4.69
CA PRO B 154 5.62 -13.61 -3.73
C PRO B 154 5.10 -12.35 -4.43
N GLU B 155 5.08 -11.22 -3.73
CA GLU B 155 4.63 -9.97 -4.33
C GLU B 155 5.84 -9.11 -4.72
N PRO B 156 5.64 -8.11 -5.59
CA PRO B 156 4.37 -7.74 -6.22
C PRO B 156 4.31 -8.06 -7.72
N VAL B 157 3.30 -7.52 -8.39
CA VAL B 157 3.10 -7.68 -9.83
C VAL B 157 2.74 -6.31 -10.38
N THR B 158 3.19 -6.00 -11.59
CA THR B 158 2.89 -4.71 -12.20
C THR B 158 1.83 -4.87 -13.29
N LEU B 159 0.58 -4.65 -12.91
CA LEU B 159 -0.52 -4.76 -13.86
C LEU B 159 -0.81 -3.38 -14.46
N THR B 160 -0.73 -3.32 -15.79
CA THR B 160 -0.95 -2.08 -16.51
C THR B 160 -1.84 -2.33 -17.73
N TRP B 161 -2.49 -1.27 -18.20
CA TRP B 161 -3.37 -1.35 -19.37
C TRP B 161 -2.79 -0.54 -20.52
N ASN B 162 -2.59 -1.21 -21.66
CA ASN B 162 -2.05 -0.59 -22.86
C ASN B 162 -0.71 0.12 -22.62
N SER B 163 0.16 -0.54 -21.88
CA SER B 163 1.50 -0.02 -21.57
C SER B 163 1.51 1.28 -20.75
N GLY B 164 0.42 1.53 -20.03
CA GLY B 164 0.33 2.73 -19.21
C GLY B 164 -0.46 3.84 -19.87
N SER B 165 -0.65 3.73 -21.19
CA SER B 165 -1.39 4.74 -21.95
C SER B 165 -2.87 4.78 -21.57
N LEU B 166 -3.32 3.77 -20.85
CA LEU B 166 -4.71 3.69 -20.40
C LEU B 166 -4.72 3.72 -18.88
N SER B 167 -4.86 4.93 -18.33
CA SER B 167 -4.88 5.12 -16.88
C SER B 167 -6.28 5.48 -16.40
N SER B 168 -7.15 5.88 -17.33
CA SER B 168 -8.52 6.25 -17.00
C SER B 168 -9.43 5.07 -16.69
N GLY B 169 -10.19 5.20 -15.62
CA GLY B 169 -11.12 4.14 -15.22
C GLY B 169 -10.47 2.84 -14.78
N VAL B 170 -9.22 2.91 -14.33
CA VAL B 170 -8.51 1.72 -13.89
C VAL B 170 -8.52 1.55 -12.38
N HIS B 171 -8.96 0.38 -11.92
CA HIS B 171 -9.02 0.05 -10.51
C HIS B 171 -8.28 -1.26 -10.25
N THR B 172 -7.01 -1.16 -9.88
CA THR B 172 -6.21 -2.34 -9.60
C THR B 172 -6.33 -2.68 -8.11
N PHE B 173 -7.09 -3.73 -7.83
CA PHE B 173 -7.35 -4.20 -6.47
C PHE B 173 -6.17 -4.85 -5.75
N PRO B 174 -6.13 -4.69 -4.42
CA PRO B 174 -5.07 -5.25 -3.57
C PRO B 174 -5.07 -6.78 -3.63
N ALA B 175 -3.88 -7.37 -3.71
CA ALA B 175 -3.77 -8.81 -3.78
C ALA B 175 -4.16 -9.47 -2.45
N VAL B 176 -4.98 -10.50 -2.55
CA VAL B 176 -5.44 -11.25 -1.38
C VAL B 176 -4.73 -12.60 -1.38
N LEU B 177 -4.23 -13.00 -0.22
CA LEU B 177 -3.51 -14.26 -0.09
C LEU B 177 -4.40 -15.49 0.13
N GLN B 178 -4.49 -16.33 -0.89
CA GLN B 178 -5.28 -17.55 -0.83
C GLN B 178 -4.38 -18.75 -0.59
N SER B 179 -3.99 -18.97 0.66
CA SER B 179 -3.14 -20.08 1.04
C SER B 179 -1.84 -20.16 0.24
N ASP B 180 -0.89 -19.28 0.59
CA ASP B 180 0.42 -19.22 -0.06
C ASP B 180 0.44 -18.69 -1.50
N LEU B 181 -0.71 -18.26 -2.02
CA LEU B 181 -0.80 -17.73 -3.37
C LEU B 181 -1.73 -16.53 -3.48
N TYR B 182 -1.20 -15.41 -3.97
CA TYR B 182 -1.96 -14.18 -4.11
C TYR B 182 -2.84 -14.13 -5.35
N THR B 183 -3.87 -13.28 -5.30
CA THR B 183 -4.79 -13.10 -6.40
C THR B 183 -5.15 -11.62 -6.49
N LEU B 184 -4.80 -11.00 -7.61
CA LEU B 184 -5.07 -9.59 -7.84
C LEU B 184 -6.00 -9.40 -9.04
N SER B 185 -6.80 -8.35 -9.00
CA SER B 185 -7.73 -8.06 -10.09
C SER B 185 -7.66 -6.59 -10.47
N SER B 186 -8.19 -6.27 -11.66
CA SER B 186 -8.17 -4.91 -12.16
C SER B 186 -9.27 -4.69 -13.19
N SER B 187 -10.00 -3.58 -13.03
CA SER B 187 -11.07 -3.25 -13.95
C SER B 187 -10.77 -1.95 -14.69
N VAL B 188 -10.99 -1.98 -16.00
CA VAL B 188 -10.78 -0.81 -16.83
C VAL B 188 -12.11 -0.46 -17.48
N THR B 189 -12.62 0.73 -17.18
CA THR B 189 -13.90 1.16 -17.73
C THR B 189 -13.72 2.23 -18.81
N VAL B 190 -14.00 1.83 -20.05
CA VAL B 190 -13.90 2.72 -21.19
C VAL B 190 -15.26 2.87 -21.88
N THR B 191 -15.27 3.51 -23.03
CA THR B 191 -16.51 3.71 -23.78
C THR B 191 -16.70 2.62 -24.83
N SER B 192 -17.94 2.46 -25.28
CA SER B 192 -18.31 1.46 -26.28
C SER B 192 -17.57 1.64 -27.61
N SER B 193 -17.20 2.88 -27.92
CA SER B 193 -16.48 3.20 -29.15
C SER B 193 -14.99 2.85 -29.04
N THR B 194 -14.54 2.61 -27.82
CA THR B 194 -13.14 2.28 -27.56
C THR B 194 -12.90 0.77 -27.59
N TRP B 195 -13.97 0.00 -27.35
CA TRP B 195 -13.85 -1.46 -27.33
C TRP B 195 -15.16 -2.10 -27.77
N PRO B 196 -15.10 -3.20 -28.57
CA PRO B 196 -13.89 -3.86 -29.10
C PRO B 196 -13.24 -3.21 -30.33
N SER B 197 -13.62 -1.97 -30.61
CA SER B 197 -13.09 -1.21 -31.74
C SER B 197 -11.56 -1.08 -31.67
N GLN B 198 -11.08 -0.71 -30.49
CA GLN B 198 -9.65 -0.55 -30.26
C GLN B 198 -9.13 -1.66 -29.36
N SER B 199 -7.84 -1.94 -29.46
CA SER B 199 -7.22 -2.98 -28.67
C SER B 199 -6.90 -2.54 -27.24
N ILE B 200 -7.54 -3.20 -26.28
CA ILE B 200 -7.30 -2.93 -24.88
C ILE B 200 -6.62 -4.19 -24.40
N THR B 201 -5.33 -4.09 -24.10
CA THR B 201 -4.58 -5.25 -23.63
C THR B 201 -4.31 -5.35 -22.15
N CYS B 202 -4.96 -6.36 -21.57
CA CYS B 202 -4.86 -6.75 -20.18
C CYS B 202 -3.36 -7.24 -19.91
N ASN B 203 -2.46 -6.31 -19.55
CA ASN B 203 -1.01 -6.61 -19.29
C ASN B 203 -0.53 -6.85 -17.84
N VAL B 204 0.38 -7.81 -17.66
CA VAL B 204 0.96 -8.09 -16.34
C VAL B 204 2.45 -8.48 -16.36
N ALA B 205 3.13 -8.21 -15.24
CA ALA B 205 4.56 -8.52 -15.08
C ALA B 205 5.00 -8.92 -13.65
N HIS B 206 5.51 -10.15 -13.49
CA HIS B 206 5.98 -10.68 -12.19
C HIS B 206 7.52 -10.81 -12.22
N PRO B 207 8.23 -9.90 -11.54
CA PRO B 207 9.70 -9.90 -11.47
C PRO B 207 10.37 -11.14 -10.88
N ALA B 208 9.81 -11.66 -9.79
CA ALA B 208 10.35 -12.84 -9.12
C ALA B 208 10.44 -14.07 -10.01
N SER B 209 9.53 -14.18 -10.97
CA SER B 209 9.51 -15.30 -11.90
C SER B 209 9.98 -14.90 -13.30
N SER B 210 10.30 -13.62 -13.47
CA SER B 210 10.73 -13.07 -14.76
C SER B 210 9.61 -13.20 -15.79
N THR B 211 8.38 -13.15 -15.30
CA THR B 211 7.18 -13.28 -16.11
C THR B 211 6.73 -11.93 -16.69
N LYS B 212 6.34 -11.96 -17.96
CA LYS B 212 5.86 -10.78 -18.67
C LYS B 212 4.77 -11.23 -19.64
N VAL B 213 3.54 -11.27 -19.16
CA VAL B 213 2.40 -11.71 -19.97
C VAL B 213 1.52 -10.55 -20.45
N ASP B 214 1.14 -10.60 -21.72
CA ASP B 214 0.28 -9.59 -22.31
C ASP B 214 -0.97 -10.25 -22.87
N LYS B 215 -2.05 -10.22 -22.11
CA LYS B 215 -3.32 -10.82 -22.55
C LYS B 215 -4.21 -9.76 -23.17
N LYS B 216 -4.61 -9.96 -24.42
CA LYS B 216 -5.49 -8.99 -25.09
C LYS B 216 -6.94 -9.32 -24.78
N ILE B 217 -7.73 -8.31 -24.47
CA ILE B 217 -9.13 -8.53 -24.16
C ILE B 217 -9.96 -8.75 -25.43
N GLU B 218 -10.30 -10.00 -25.66
CA GLU B 218 -11.06 -10.40 -26.81
C GLU B 218 -12.52 -10.66 -26.44
N PRO B 219 -13.45 -10.11 -27.23
CA PRO B 219 -14.88 -10.29 -26.98
C PRO B 219 -15.32 -11.74 -27.03
N ARG B 220 -16.48 -11.99 -26.41
CA ARG B 220 -17.04 -13.31 -26.32
C ARG B 220 -18.29 -13.29 -27.20
N TYR C 1 19.12 23.22 21.72
CA TYR C 1 19.64 22.19 20.77
C TYR C 1 18.50 21.55 19.99
N THR C 2 18.72 21.36 18.69
CA THR C 2 17.71 20.77 17.81
C THR C 2 17.86 19.26 17.64
N THR C 3 18.72 18.66 18.47
CA THR C 3 18.96 17.23 18.44
C THR C 3 19.06 16.71 19.88
N SER C 4 18.65 15.46 20.07
CA SER C 4 18.70 14.85 21.39
C SER C 4 19.98 14.02 21.55
N THR C 5 20.40 13.82 22.79
CA THR C 5 21.60 13.06 23.14
C THR C 5 21.25 11.60 23.41
N ARG C 6 19.97 11.25 23.33
CA ARG C 6 19.51 9.88 23.55
C ARG C 6 19.03 9.27 22.23
N GLY C 7 18.99 10.09 21.19
CA GLY C 7 18.53 9.62 19.89
C GLY C 7 19.59 9.12 18.93
N ASP C 8 19.20 9.05 17.65
CA ASP C 8 20.07 8.58 16.58
C ASP C 8 20.89 9.70 15.92
N LEU C 9 20.78 10.91 16.45
CA LEU C 9 21.51 12.06 15.94
C LEU C 9 22.38 12.67 17.05
N ALA C 10 22.75 11.85 18.02
CA ALA C 10 23.58 12.28 19.14
C ALA C 10 24.99 12.58 18.68
N HIS C 11 25.38 11.98 17.55
CA HIS C 11 26.70 12.23 16.99
C HIS C 11 26.67 13.65 16.44
N VAL C 12 25.55 14.02 15.80
CA VAL C 12 25.38 15.37 15.26
C VAL C 12 25.81 16.20 16.44
N THR C 13 26.90 16.91 16.19
CA THR C 13 27.56 17.73 17.21
C THR C 13 26.99 19.18 17.43
#